data_1NK3
#
_entry.id   1NK3
#
_cell.length_a   1.000
_cell.length_b   1.000
_cell.length_c   1.000
_cell.angle_alpha   90.00
_cell.angle_beta   90.00
_cell.angle_gamma   90.00
#
_symmetry.space_group_name_H-M   'P 1'
#
loop_
_entity.id
_entity.type
_entity.pdbx_description
1 polymer "DNA (5'-D(*TP*GP*TP*GP*TP*CP*AP*AP*GP*TP*GP*GP*CP*TP*GP*T)-3')"
2 polymer "DNA (5'-D(*AP*CP*AP*GP*CP*CP*AP*CP*TP*TP*GP*AP*CP*AP*CP*A)-3')"
3 polymer 'HOMEOBOX PROTEIN VND'
#
loop_
_entity_poly.entity_id
_entity_poly.type
_entity_poly.pdbx_seq_one_letter_code
_entity_poly.pdbx_strand_id
1 'polydeoxyribonucleotide' (DT)(DG)(DT)(DG)(DT)(DC)(DA)(DA)(DG)(DT)(DG)(DG)(DC)(DT)(DG)(DT) A
2 'polydeoxyribonucleotide' (DA)(DC)(DA)(DG)(DC)(DC)(DA)(DC)(DT)(DT)(DG)(DA)(DC)(DA)(DC)(DA) B
3 'polypeptide(L)' ASDGLPNKKRKRRVLFTKAQTYELERRFRQQRYLSAPEREHLASLIRLTPTQVKIWFQNHRYKTKRAQNEKGYEGHP P
#
# COMPACT_ATOMS: atom_id res chain seq x y z
N LYS C 8 1.43 -1.20 -24.76
CA LYS C 8 0.28 -1.78 -24.11
C LYS C 8 0.81 -2.91 -23.23
N LYS C 9 1.12 -2.60 -21.93
CA LYS C 9 1.69 -3.60 -21.08
C LYS C 9 0.49 -4.47 -20.68
N ARG C 10 0.67 -5.82 -20.48
CA ARG C 10 -0.45 -6.68 -20.13
C ARG C 10 -0.64 -6.85 -18.63
N LYS C 11 -0.70 -5.73 -17.83
CA LYS C 11 -0.92 -5.73 -16.40
C LYS C 11 -0.30 -7.00 -15.86
N ARG C 12 1.07 -7.16 -15.91
CA ARG C 12 1.53 -8.40 -15.34
C ARG C 12 1.24 -8.18 -13.87
N ARG C 13 1.05 -9.28 -13.06
CA ARG C 13 0.79 -8.98 -11.67
C ARG C 13 2.09 -8.37 -11.20
N VAL C 14 2.06 -7.75 -9.99
CA VAL C 14 3.28 -7.14 -9.50
C VAL C 14 3.24 -7.38 -7.99
N LEU C 15 4.39 -7.88 -7.42
CA LEU C 15 4.30 -8.14 -5.99
C LEU C 15 5.40 -7.23 -5.50
N PHE C 16 5.39 -6.97 -4.17
CA PHE C 16 6.40 -6.07 -3.60
C PHE C 16 7.28 -7.00 -2.77
N THR C 17 8.59 -6.64 -2.47
CA THR C 17 9.39 -7.60 -1.70
C THR C 17 8.65 -7.69 -0.37
N LYS C 18 8.86 -8.79 0.42
CA LYS C 18 8.17 -8.82 1.70
C LYS C 18 8.66 -7.65 2.55
N ALA C 19 9.90 -7.10 2.29
CA ALA C 19 10.36 -5.97 3.11
C ALA C 19 9.59 -4.70 2.68
N GLN C 20 9.26 -4.53 1.35
CA GLN C 20 8.53 -3.37 0.85
C GLN C 20 7.19 -3.43 1.60
N THR C 21 6.43 -4.57 1.48
CA THR C 21 5.14 -4.92 2.06
C THR C 21 5.17 -4.68 3.56
N TYR C 22 6.32 -4.91 4.25
CA TYR C 22 6.37 -4.72 5.70
C TYR C 22 6.25 -3.27 6.09
N GLU C 23 6.84 -2.35 5.28
CA GLU C 23 6.80 -0.94 5.49
C GLU C 23 5.39 -0.52 5.08
N LEU C 24 4.64 -1.19 4.11
CA LEU C 24 3.29 -0.72 3.79
C LEU C 24 2.37 -1.16 4.91
N GLU C 25 2.56 -2.40 5.49
CA GLU C 25 1.80 -2.92 6.60
C GLU C 25 2.01 -2.02 7.78
N ARG C 26 3.20 -1.37 7.76
CA ARG C 26 3.66 -0.45 8.76
C ARG C 26 2.76 0.77 8.69
N ARG C 27 2.78 1.53 7.54
CA ARG C 27 1.99 2.73 7.46
C ARG C 27 0.51 2.41 7.55
N PHE C 28 -0.07 1.19 7.24
CA PHE C 28 -1.51 1.10 7.40
C PHE C 28 -1.85 0.70 8.83
N ARG C 29 -0.99 -0.17 9.46
CA ARG C 29 -1.29 -0.64 10.79
C ARG C 29 -1.19 0.53 11.78
N GLN C 30 -0.50 1.65 11.39
CA GLN C 30 -0.29 2.84 12.20
C GLN C 30 -1.26 3.96 11.80
N GLN C 31 -1.76 3.89 10.53
CA GLN C 31 -2.56 4.99 10.01
C GLN C 31 -3.37 4.55 8.80
N ARG C 32 -4.72 4.85 8.86
CA ARG C 32 -5.63 4.47 7.78
C ARG C 32 -5.73 5.38 6.55
N TYR C 33 -5.21 6.66 6.60
CA TYR C 33 -5.31 7.56 5.45
C TYR C 33 -3.91 8.19 5.33
N LEU C 34 -3.26 8.12 4.09
CA LEU C 34 -1.90 8.68 3.94
C LEU C 34 -2.03 9.99 3.11
N SER C 35 -1.26 11.10 3.48
CA SER C 35 -1.42 12.33 2.70
C SER C 35 -0.49 12.22 1.50
N ALA C 36 -0.55 13.20 0.53
CA ALA C 36 0.32 13.06 -0.63
C ALA C 36 1.79 13.13 -0.27
N PRO C 37 2.30 13.91 0.77
CA PRO C 37 3.75 13.91 1.00
C PRO C 37 4.21 12.66 1.76
N GLU C 38 3.42 12.21 2.80
CA GLU C 38 3.70 11.06 3.63
C GLU C 38 3.87 9.80 2.77
N ARG C 39 2.81 9.60 1.94
CA ARG C 39 2.72 8.43 1.09
C ARG C 39 3.74 8.48 -0.05
N GLU C 40 4.22 9.64 -0.66
CA GLU C 40 5.21 9.43 -1.71
C GLU C 40 6.57 9.23 -1.03
N HIS C 41 6.69 9.24 0.35
CA HIS C 41 7.96 9.03 1.02
C HIS C 41 8.11 7.54 1.23
N LEU C 42 7.03 6.75 1.58
CA LEU C 42 7.22 5.32 1.74
C LEU C 42 7.55 4.83 0.33
N ALA C 43 6.91 5.45 -0.69
CA ALA C 43 7.15 5.03 -2.05
C ALA C 43 8.62 5.33 -2.29
N SER C 44 9.21 6.48 -1.81
CA SER C 44 10.62 6.64 -2.19
C SER C 44 11.62 5.91 -1.28
N LEU C 45 11.27 5.32 -0.08
CA LEU C 45 12.25 4.66 0.76
C LEU C 45 12.55 3.26 0.19
N ILE C 46 11.44 2.54 -0.17
CA ILE C 46 11.50 1.17 -0.64
C ILE C 46 11.69 1.12 -2.15
N ARG C 47 11.42 2.26 -2.84
CA ARG C 47 11.58 2.41 -4.27
C ARG C 47 10.41 1.95 -5.12
N LEU C 48 9.19 1.91 -4.50
CA LEU C 48 8.02 1.55 -5.32
C LEU C 48 7.62 2.95 -5.78
N THR C 49 6.62 3.13 -6.71
CA THR C 49 6.23 4.47 -7.16
C THR C 49 5.11 4.85 -6.18
N PRO C 50 4.59 6.13 -6.22
CA PRO C 50 3.54 6.57 -5.30
C PRO C 50 2.23 5.88 -5.61
N THR C 51 1.76 5.76 -6.90
CA THR C 51 0.49 5.06 -7.03
C THR C 51 0.68 3.58 -6.64
N GLN C 52 1.92 2.95 -6.55
CA GLN C 52 1.89 1.54 -6.14
C GLN C 52 1.60 1.59 -4.60
N VAL C 53 2.03 2.64 -3.77
CA VAL C 53 1.72 2.65 -2.33
C VAL C 53 0.21 2.93 -2.16
N LYS C 54 -0.34 4.13 -2.59
CA LYS C 54 -1.75 4.56 -2.50
C LYS C 54 -2.66 3.37 -2.78
N ILE C 55 -2.41 2.48 -3.80
CA ILE C 55 -3.32 1.37 -4.08
C ILE C 55 -3.24 0.27 -3.02
N TRP C 56 -2.05 -0.19 -2.47
CA TRP C 56 -2.09 -1.20 -1.41
C TRP C 56 -2.88 -0.57 -0.24
N PHE C 57 -2.95 0.81 -0.09
CA PHE C 57 -3.67 1.41 1.04
C PHE C 57 -5.18 1.21 0.79
N GLN C 58 -5.74 1.56 -0.41
CA GLN C 58 -7.15 1.37 -0.68
C GLN C 58 -7.48 -0.11 -0.36
N ASN C 59 -6.58 -1.10 -0.72
CA ASN C 59 -6.88 -2.51 -0.47
C ASN C 59 -6.99 -2.79 1.03
N HIS C 60 -6.10 -2.40 2.02
CA HIS C 60 -6.43 -2.86 3.38
C HIS C 60 -7.69 -2.17 3.90
N ARG C 61 -8.19 -0.94 3.50
CA ARG C 61 -9.40 -0.52 4.23
C ARG C 61 -10.62 -1.38 3.80
N TYR C 62 -10.82 -1.78 2.50
CA TYR C 62 -12.01 -2.59 2.19
C TYR C 62 -11.86 -4.01 2.80
N LYS C 63 -10.62 -4.60 2.89
CA LYS C 63 -10.43 -5.93 3.43
C LYS C 63 -10.52 -6.04 4.96
N THR C 64 -10.21 -4.94 5.74
CA THR C 64 -10.21 -5.09 7.19
C THR C 64 -11.59 -4.98 7.74
N LYS C 65 -12.38 -4.05 7.13
CA LYS C 65 -13.73 -3.82 7.58
C LYS C 65 -14.63 -4.94 7.14
N ARG C 66 -14.43 -5.37 5.86
CA ARG C 66 -15.19 -6.44 5.28
C ARG C 66 -14.85 -7.72 6.07
N ALA C 67 -13.70 -7.86 6.82
CA ALA C 67 -13.46 -9.12 7.50
C ALA C 67 -14.44 -9.28 8.65
N GLN C 68 -14.83 -8.14 9.30
CA GLN C 68 -15.69 -8.21 10.47
C GLN C 68 -17.15 -8.26 10.05
N ASN C 69 -17.50 -7.78 8.80
CA ASN C 69 -18.87 -7.89 8.39
C ASN C 69 -19.08 -9.40 8.21
N GLU C 70 -17.97 -10.19 7.92
CA GLU C 70 -18.08 -11.62 7.71
C GLU C 70 -18.46 -12.11 9.13
#